data_7TE3
#
_entry.id   7TE3
#
_cell.length_a   80.529
_cell.length_b   80.529
_cell.length_c   114.552
_cell.angle_alpha   90.000
_cell.angle_beta   90.000
_cell.angle_gamma   120.000
#
_symmetry.space_group_name_H-M   'P 63 2 2'
#
loop_
_entity.id
_entity.type
_entity.pdbx_description
1 polymer 'Complement component 1 Q subcomponent-binding protein, mitochondrial'
2 water water
#
_entity_poly.entity_id   1
_entity_poly.type   'polypeptide(L)'
_entity_poly.pdbx_seq_one_letter_code
;GSTMHTDGDKAFVDFLSDEIKEERKIQKHKTLPKMSGGWELELNGTEAKLVRKVAGEKITVTFNINNSGGSTPNFVVEVI
KNDDGKKALVLDCHYGDIFSIREVSFQSTGESEWKDTNYTLNTDSLDWALYDHLMDFLADRGVDNTFADELVELSTALEH
QEYITFLEDLKSFVKSQ
;
_entity_poly.pdbx_strand_id   A
#
# COMPACT_ATOMS: atom_id res chain seq x y z
N THR A 6 -18.03 -30.13 17.98
CA THR A 6 -16.98 -30.10 19.00
C THR A 6 -17.27 -29.01 20.04
N ASP A 7 -16.98 -29.32 21.31
CA ASP A 7 -17.08 -28.32 22.36
C ASP A 7 -16.23 -27.09 22.06
N GLY A 8 -14.96 -27.31 21.68
CA GLY A 8 -14.07 -26.20 21.44
C GLY A 8 -14.55 -25.32 20.31
N ASP A 9 -15.06 -25.93 19.24
CA ASP A 9 -15.46 -25.17 18.05
C ASP A 9 -16.55 -24.17 18.37
N LYS A 10 -17.63 -24.61 19.02
CA LYS A 10 -18.73 -23.69 19.26
C LYS A 10 -18.38 -22.65 20.30
N ALA A 11 -17.47 -22.97 21.23
CA ALA A 11 -16.94 -21.95 22.14
C ALA A 11 -16.07 -20.94 21.39
N PHE A 12 -15.25 -21.41 20.44
CA PHE A 12 -14.46 -20.54 19.58
C PHE A 12 -15.38 -19.64 18.74
N VAL A 13 -16.55 -20.14 18.35
CA VAL A 13 -17.50 -19.31 17.60
C VAL A 13 -18.07 -18.21 18.49
N ASP A 14 -18.53 -18.57 19.69
CA ASP A 14 -19.00 -17.58 20.65
C ASP A 14 -17.94 -16.53 20.95
N PHE A 15 -16.68 -16.95 21.09
CA PHE A 15 -15.63 -15.99 21.37
C PHE A 15 -15.40 -15.06 20.17
N LEU A 16 -15.44 -15.60 18.97
CA LEU A 16 -15.27 -14.77 17.78
C LEU A 16 -16.44 -13.78 17.62
N SER A 17 -17.65 -14.22 17.96
CA SER A 17 -18.79 -13.29 17.98
C SER A 17 -18.49 -12.09 18.87
N ASP A 18 -17.97 -12.33 20.08
CA ASP A 18 -17.64 -11.25 20.99
C ASP A 18 -16.56 -10.33 20.40
N GLU A 19 -15.54 -10.92 19.79
CA GLU A 19 -14.46 -10.11 19.24
C GLU A 19 -14.96 -9.21 18.11
N ILE A 20 -15.87 -9.73 17.27
CA ILE A 20 -16.35 -8.94 16.14
C ILE A 20 -17.13 -7.72 16.62
N LYS A 21 -17.96 -7.90 17.67
CA LYS A 21 -18.68 -6.77 18.26
C LYS A 21 -17.71 -5.73 18.80
N GLU A 22 -16.72 -6.17 19.55
CA GLU A 22 -15.78 -5.26 20.19
C GLU A 22 -15.00 -4.44 19.16
N GLU A 23 -14.60 -5.07 18.05
CA GLU A 23 -13.78 -4.38 17.06
C GLU A 23 -14.60 -3.46 16.17
N ARG A 24 -15.86 -3.79 15.91
CA ARG A 24 -16.73 -2.86 15.19
C ARG A 24 -17.06 -1.66 16.06
N LYS A 25 -17.45 -1.91 17.31
CA LYS A 25 -17.66 -0.84 18.29
C LYS A 25 -16.50 0.15 18.27
N ILE A 26 -15.28 -0.36 18.35
CA ILE A 26 -14.10 0.50 18.29
C ILE A 26 -14.07 1.22 16.94
N GLN A 27 -14.97 0.86 16.05
CA GLN A 27 -15.06 1.46 14.69
C GLN A 27 -14.06 0.86 13.72
N THR A 31 -14.14 5.77 9.57
CA THR A 31 -13.87 4.79 8.52
C THR A 31 -12.58 5.13 7.76
N LEU A 32 -12.52 4.75 6.48
CA LEU A 32 -11.31 4.99 5.68
C LEU A 32 -11.14 6.48 5.43
N PRO A 33 -10.05 7.10 5.85
CA PRO A 33 -9.84 8.52 5.56
C PRO A 33 -9.49 8.72 4.09
N LYS A 34 -9.43 9.98 3.68
CA LYS A 34 -9.15 10.36 2.31
C LYS A 34 -7.70 10.81 2.17
N MET A 35 -7.20 10.70 0.94
CA MET A 35 -5.89 11.21 0.58
C MET A 35 -6.07 12.54 -0.14
N SER A 36 -5.40 13.57 0.35
CA SER A 36 -5.36 14.83 -0.38
C SER A 36 -4.62 14.64 -1.68
N GLY A 37 -5.10 15.30 -2.73
CA GLY A 37 -4.36 15.33 -3.98
C GLY A 37 -5.10 14.75 -5.17
N GLY A 38 -6.38 14.43 -5.01
CA GLY A 38 -7.15 13.91 -6.13
C GLY A 38 -6.84 12.47 -6.48
N TRP A 39 -6.47 11.66 -5.49
CA TRP A 39 -6.21 10.25 -5.74
C TRP A 39 -7.51 9.47 -5.79
N GLU A 40 -7.52 8.42 -6.58
CA GLU A 40 -8.63 7.46 -6.59
C GLU A 40 -8.13 6.16 -6.00
N LEU A 41 -8.97 5.54 -5.16
CA LEU A 41 -8.60 4.35 -4.41
C LEU A 41 -9.24 3.11 -5.03
N GLU A 42 -8.43 2.06 -5.20
CA GLU A 42 -8.91 0.78 -5.69
C GLU A 42 -8.45 -0.28 -4.70
N LEU A 43 -9.40 -0.96 -4.08
CA LEU A 43 -9.11 -1.99 -3.10
C LEU A 43 -9.19 -3.36 -3.74
N ASN A 44 -8.16 -4.17 -3.52
CA ASN A 44 -8.17 -5.58 -3.88
C ASN A 44 -7.79 -6.38 -2.63
N GLY A 45 -8.75 -6.54 -1.73
CA GLY A 45 -8.45 -7.22 -0.48
C GLY A 45 -7.43 -6.40 0.27
N THR A 46 -6.29 -7.02 0.61
CA THR A 46 -5.32 -6.30 1.41
C THR A 46 -4.45 -5.37 0.58
N GLU A 47 -4.57 -5.38 -0.74
CA GLU A 47 -3.78 -4.50 -1.59
C GLU A 47 -4.59 -3.28 -1.98
N ALA A 48 -4.01 -2.10 -1.78
CA ALA A 48 -4.62 -0.84 -2.14
C ALA A 48 -3.79 -0.17 -3.22
N LYS A 49 -4.48 0.50 -4.14
CA LYS A 49 -3.84 1.27 -5.20
C LYS A 49 -4.43 2.67 -5.19
N LEU A 50 -3.57 3.67 -5.18
CA LEU A 50 -3.95 5.07 -5.30
C LEU A 50 -3.46 5.57 -6.66
N VAL A 51 -4.34 6.21 -7.40
CA VAL A 51 -4.10 6.47 -8.81
C VAL A 51 -4.34 7.94 -9.11
N ARG A 52 -3.49 8.49 -9.97
CA ARG A 52 -3.55 9.89 -10.35
C ARG A 52 -3.03 9.96 -11.78
N LYS A 53 -3.79 10.59 -12.68
CA LYS A 53 -3.31 10.96 -14.01
C LYS A 53 -3.26 12.47 -14.06
N VAL A 54 -2.09 13.02 -14.35
CA VAL A 54 -1.91 14.47 -14.29
C VAL A 54 -1.55 15.04 -15.66
N ALA A 55 -0.26 15.03 -16.01
CA ALA A 55 0.25 15.77 -17.17
C ALA A 55 1.05 14.81 -18.05
N GLY A 56 0.34 13.99 -18.83
CA GLY A 56 1.01 12.93 -19.55
C GLY A 56 1.61 11.87 -18.67
N GLU A 57 1.13 11.74 -17.43
CA GLU A 57 1.69 10.83 -16.46
C GLU A 57 0.58 10.12 -15.71
N LYS A 58 0.78 8.82 -15.48
CA LYS A 58 -0.04 8.03 -14.57
C LYS A 58 0.85 7.71 -13.37
N ILE A 59 0.39 8.07 -12.18
CA ILE A 59 1.11 7.77 -10.93
C ILE A 59 0.28 6.78 -10.13
N THR A 60 0.89 5.64 -9.79
CA THR A 60 0.20 4.62 -9.01
C THR A 60 1.02 4.32 -7.77
N VAL A 61 0.38 4.45 -6.60
CA VAL A 61 1.00 4.10 -5.32
C VAL A 61 0.33 2.83 -4.85
N THR A 62 1.10 1.76 -4.69
CA THR A 62 0.56 0.46 -4.29
C THR A 62 1.12 0.04 -2.95
N PHE A 63 0.25 -0.38 -2.03
CA PHE A 63 0.68 -0.94 -0.76
C PHE A 63 -0.23 -2.10 -0.37
N ASN A 64 0.31 -3.00 0.46
CA ASN A 64 -0.39 -4.18 0.92
C ASN A 64 -0.36 -4.16 2.44
N ILE A 65 -1.53 -4.14 3.08
CA ILE A 65 -1.55 -3.97 4.54
C ILE A 65 -1.12 -5.21 5.31
N ASN A 66 -0.85 -6.34 4.63
CA ASN A 66 -0.34 -7.50 5.33
C ASN A 66 1.02 -7.17 5.97
N ASN A 67 1.90 -6.56 5.19
CA ASN A 67 3.25 -6.25 5.65
C ASN A 67 3.42 -4.93 6.41
N THR A 72 8.82 -4.27 8.03
CA THR A 72 8.78 -2.84 7.79
C THR A 72 7.78 -2.53 6.67
N PRO A 73 6.90 -1.55 6.89
CA PRO A 73 5.85 -1.25 5.91
C PRO A 73 6.39 -0.51 4.70
N ASN A 74 5.94 -0.88 3.50
CA ASN A 74 6.46 -0.26 2.30
C ASN A 74 5.34 0.04 1.31
N PHE A 75 5.60 0.98 0.41
CA PHE A 75 4.72 1.20 -0.72
C PHE A 75 5.57 1.42 -1.96
N VAL A 76 4.97 1.09 -3.11
CA VAL A 76 5.63 1.18 -4.41
C VAL A 76 4.95 2.27 -5.23
N VAL A 77 5.75 3.21 -5.75
CA VAL A 77 5.26 4.23 -6.67
C VAL A 77 5.65 3.84 -8.08
N GLU A 78 4.69 3.89 -9.00
CA GLU A 78 4.93 3.57 -10.40
C GLU A 78 4.55 4.78 -11.23
N VAL A 79 5.53 5.35 -11.93
CA VAL A 79 5.31 6.52 -12.80
C VAL A 79 5.37 6.05 -14.24
N ILE A 80 4.28 6.26 -14.98
CA ILE A 80 4.20 5.90 -16.40
C ILE A 80 4.06 7.16 -17.23
N LYS A 81 5.00 7.37 -18.14
CA LYS A 81 4.92 8.48 -19.08
C LYS A 81 4.05 8.02 -20.24
N ASN A 82 2.88 8.64 -20.42
CA ASN A 82 1.92 8.02 -21.32
C ASN A 82 2.39 7.98 -22.76
N ASP A 83 3.52 8.62 -23.08
CA ASP A 83 4.12 8.51 -24.42
C ASP A 83 4.61 7.08 -24.69
N ASP A 84 5.18 6.43 -23.68
CA ASP A 84 5.87 5.15 -23.82
C ASP A 84 5.39 4.23 -22.69
N GLY A 85 4.29 3.53 -22.91
CA GLY A 85 3.68 2.82 -21.80
C GLY A 85 4.37 1.54 -21.38
N LYS A 86 5.43 1.13 -22.05
CA LYS A 86 6.05 -0.16 -21.77
C LYS A 86 7.01 -0.14 -20.59
N LYS A 87 7.62 1.00 -20.25
CA LYS A 87 8.59 1.02 -19.16
C LYS A 87 8.18 2.06 -18.13
N ALA A 88 8.09 1.64 -16.88
CA ALA A 88 7.70 2.53 -15.82
C ALA A 88 8.88 2.71 -14.86
N LEU A 89 9.02 3.91 -14.32
CA LEU A 89 9.92 4.14 -13.19
C LEU A 89 9.24 3.64 -11.91
N VAL A 90 9.90 2.72 -11.20
CA VAL A 90 9.36 2.14 -9.98
C VAL A 90 10.24 2.53 -8.78
N LEU A 91 9.61 3.12 -7.75
CA LEU A 91 10.31 3.56 -6.55
C LEU A 91 9.68 2.83 -5.37
N ASP A 92 10.44 1.91 -4.78
CA ASP A 92 10.01 1.24 -3.56
C ASP A 92 10.33 2.17 -2.38
N CYS A 93 9.35 2.40 -1.51
CA CYS A 93 9.45 3.39 -0.44
C CYS A 93 9.05 2.80 0.91
N HIS A 94 9.69 3.29 1.97
CA HIS A 94 9.29 2.98 3.34
C HIS A 94 8.36 4.07 3.87
N TYR A 95 7.46 3.69 4.78
CA TYR A 95 6.57 4.68 5.38
C TYR A 95 6.27 4.25 6.81
N GLY A 96 5.81 5.22 7.62
CA GLY A 96 5.56 4.99 9.02
C GLY A 96 6.63 5.62 9.89
N ASP A 97 7.72 4.89 10.13
CA ASP A 97 8.90 5.42 10.81
C ASP A 97 9.39 6.68 10.11
N ILE A 98 10.11 6.48 9.02
CA ILE A 98 10.52 7.56 8.13
C ILE A 98 9.89 7.28 6.77
N PHE A 99 9.80 8.33 5.95
CA PHE A 99 9.38 8.16 4.57
C PHE A 99 10.51 7.42 3.83
N SER A 100 11.33 8.09 3.05
CA SER A 100 12.50 7.48 2.40
C SER A 100 12.25 6.47 1.26
N ILE A 101 13.14 6.55 0.27
CA ILE A 101 13.18 5.69 -0.90
C ILE A 101 14.19 4.58 -0.61
N ARG A 102 13.80 3.32 -0.88
CA ARG A 102 14.68 2.17 -0.72
C ARG A 102 15.34 1.72 -2.00
N GLU A 103 14.62 1.70 -3.13
CA GLU A 103 15.13 1.17 -4.39
C GLU A 103 14.41 1.82 -5.55
N VAL A 104 15.13 2.03 -6.66
CA VAL A 104 14.55 2.57 -7.88
C VAL A 104 14.97 1.69 -9.05
N SER A 105 14.03 1.40 -9.96
CA SER A 105 14.37 0.73 -11.21
C SER A 105 13.31 1.01 -12.26
N PHE A 106 13.61 0.63 -13.49
CA PHE A 106 12.64 0.61 -14.57
C PHE A 106 12.11 -0.81 -14.70
N GLN A 107 10.80 -0.92 -14.87
CA GLN A 107 10.15 -2.21 -15.03
C GLN A 107 9.15 -2.12 -16.15
N SER A 108 8.88 -3.26 -16.80
CA SER A 108 7.76 -3.30 -17.73
C SER A 108 6.46 -3.21 -16.94
N THR A 109 5.54 -2.40 -17.43
CA THR A 109 4.23 -2.30 -16.80
C THR A 109 3.46 -3.59 -17.02
N GLY A 110 2.66 -3.98 -16.02
CA GLY A 110 1.84 -5.16 -16.16
C GLY A 110 2.58 -6.48 -16.27
N GLU A 111 3.82 -6.56 -15.80
CA GLU A 111 4.52 -7.84 -15.74
C GLU A 111 4.05 -8.63 -14.52
N SER A 112 4.18 -9.95 -14.61
CA SER A 112 3.92 -10.82 -13.48
C SER A 112 5.04 -10.78 -12.44
N GLU A 113 6.17 -10.14 -12.75
CA GLU A 113 7.34 -10.22 -11.90
C GLU A 113 8.31 -9.09 -12.22
N TRP A 114 8.95 -8.55 -11.19
CA TRP A 114 10.11 -7.69 -11.37
C TRP A 114 11.14 -8.40 -12.23
N LYS A 115 11.48 -7.79 -13.36
CA LYS A 115 12.61 -8.30 -14.13
C LYS A 115 13.87 -8.17 -13.30
N ASP A 116 14.39 -9.30 -12.82
CA ASP A 116 15.60 -9.35 -12.01
C ASP A 116 16.81 -8.81 -12.73
N THR A 117 16.76 -8.69 -14.05
CA THR A 117 17.90 -8.29 -14.84
C THR A 117 17.88 -6.82 -15.19
N ASN A 118 16.88 -6.08 -14.74
CA ASN A 118 16.90 -4.64 -14.87
C ASN A 118 17.64 -4.05 -13.67
N TYR A 119 18.37 -2.97 -13.92
CA TYR A 119 19.21 -2.40 -12.90
C TYR A 119 18.37 -1.82 -11.78
N THR A 120 18.75 -2.12 -10.55
CA THR A 120 18.06 -1.60 -9.38
C THR A 120 19.00 -0.69 -8.61
N LEU A 121 18.61 0.58 -8.46
CA LEU A 121 19.34 1.54 -7.64
C LEU A 121 18.92 1.32 -6.19
N ASN A 122 19.77 0.64 -5.42
CA ASN A 122 19.60 0.58 -3.98
C ASN A 122 20.07 1.92 -3.38
N THR A 123 19.28 2.50 -2.47
CA THR A 123 19.61 3.80 -1.89
C THR A 123 20.48 3.72 -0.62
N ASP A 124 21.09 2.57 -0.32
CA ASP A 124 21.67 2.34 1.00
C ASP A 124 22.71 3.39 1.40
N SER A 125 23.70 3.63 0.56
CA SER A 125 24.67 4.68 0.88
C SER A 125 24.69 5.73 -0.20
N LEU A 126 23.50 6.00 -0.74
CA LEU A 126 23.38 6.78 -1.96
C LEU A 126 23.75 8.23 -1.69
N ASP A 127 24.61 8.79 -2.54
CA ASP A 127 24.86 10.22 -2.63
C ASP A 127 23.65 11.04 -2.20
N TRP A 128 23.82 11.93 -1.20
CA TRP A 128 22.68 12.69 -0.70
C TRP A 128 22.02 13.53 -1.80
N ALA A 129 22.83 14.05 -2.72
CA ALA A 129 22.31 14.90 -3.79
C ALA A 129 21.43 14.13 -4.77
N LEU A 130 21.84 12.93 -5.21
CA LEU A 130 20.93 12.14 -6.04
C LEU A 130 19.68 11.76 -5.28
N TYR A 131 19.84 11.37 -4.01
CA TYR A 131 18.72 11.03 -3.17
C TYR A 131 17.72 12.18 -3.06
N ASP A 132 18.20 13.39 -2.77
CA ASP A 132 17.27 14.52 -2.61
C ASP A 132 16.51 14.83 -3.90
N HIS A 133 17.18 14.76 -5.05
CA HIS A 133 16.48 14.95 -6.32
C HIS A 133 15.39 13.90 -6.52
N LEU A 134 15.65 12.65 -6.12
CA LEU A 134 14.63 11.62 -6.20
C LEU A 134 13.45 11.94 -5.29
N MET A 135 13.73 12.43 -4.08
CA MET A 135 12.66 12.86 -3.18
C MET A 135 11.86 14.00 -3.80
N ASP A 136 12.55 15.00 -4.39
CA ASP A 136 11.85 16.09 -5.07
C ASP A 136 11.01 15.58 -6.25
N PHE A 137 11.55 14.62 -7.01
CA PHE A 137 10.78 14.03 -8.11
C PHE A 137 9.45 13.45 -7.62
N LEU A 138 9.49 12.72 -6.50
CA LEU A 138 8.26 12.20 -5.91
C LEU A 138 7.37 13.33 -5.40
N ALA A 139 7.95 14.29 -4.68
CA ALA A 139 7.13 15.37 -4.12
C ALA A 139 6.38 16.13 -5.21
N ASP A 140 7.03 16.35 -6.36
CA ASP A 140 6.37 17.05 -7.46
C ASP A 140 5.15 16.29 -7.97
N ARG A 141 5.14 14.97 -7.78
CA ARG A 141 4.04 14.14 -8.21
C ARG A 141 3.05 13.83 -7.10
N GLY A 142 3.10 14.55 -5.99
CA GLY A 142 2.16 14.39 -4.91
C GLY A 142 2.62 13.48 -3.78
N VAL A 143 3.70 12.72 -3.96
CA VAL A 143 4.15 11.78 -2.94
C VAL A 143 5.15 12.53 -2.07
N ASP A 144 4.64 13.20 -1.06
CA ASP A 144 5.41 14.01 -0.12
C ASP A 144 5.24 13.43 1.29
N ASN A 145 5.79 14.11 2.29
CA ASN A 145 5.64 13.60 3.64
C ASN A 145 4.19 13.74 4.13
N THR A 146 3.43 14.70 3.61
CA THR A 146 2.00 14.75 3.90
C THR A 146 1.31 13.49 3.38
N PHE A 147 1.57 13.15 2.11
CA PHE A 147 1.01 11.93 1.53
C PHE A 147 1.38 10.71 2.37
N ALA A 148 2.65 10.62 2.79
CA ALA A 148 3.10 9.46 3.55
C ALA A 148 2.45 9.40 4.91
N ASP A 149 2.24 10.56 5.54
CA ASP A 149 1.50 10.58 6.81
C ASP A 149 0.05 10.18 6.62
N GLU A 150 -0.60 10.72 5.58
CA GLU A 150 -1.98 10.33 5.30
C GLU A 150 -2.08 8.85 4.99
N LEU A 151 -1.05 8.29 4.34
CA LEU A 151 -1.07 6.87 4.01
C LEU A 151 -1.07 6.00 5.26
N VAL A 152 -0.29 6.36 6.27
CA VAL A 152 -0.27 5.58 7.51
C VAL A 152 -1.69 5.37 8.03
N GLU A 153 -2.47 6.45 8.11
CA GLU A 153 -3.81 6.30 8.70
C GLU A 153 -4.77 5.60 7.75
N LEU A 154 -4.56 5.72 6.44
CA LEU A 154 -5.38 4.92 5.52
C LEU A 154 -5.04 3.45 5.68
N SER A 155 -3.76 3.12 5.64
CA SER A 155 -3.30 1.76 5.87
C SER A 155 -3.84 1.19 7.20
N THR A 156 -3.73 1.98 8.27
CA THR A 156 -4.19 1.53 9.58
C THR A 156 -5.68 1.22 9.59
N ALA A 157 -6.50 2.11 9.01
CA ALA A 157 -7.93 1.82 8.92
C ALA A 157 -8.22 0.62 8.03
N LEU A 158 -7.47 0.46 6.93
CA LEU A 158 -7.71 -0.65 6.03
C LEU A 158 -7.34 -1.98 6.69
N GLU A 159 -6.26 -2.00 7.48
CA GLU A 159 -5.90 -3.24 8.18
C GLU A 159 -7.00 -3.66 9.14
N HIS A 160 -7.57 -2.69 9.86
CA HIS A 160 -8.62 -3.00 10.82
C HIS A 160 -9.88 -3.54 10.14
N GLN A 161 -10.25 -2.96 9.00
CA GLN A 161 -11.42 -3.46 8.28
C GLN A 161 -11.18 -4.89 7.79
N GLU A 162 -10.00 -5.16 7.22
CA GLU A 162 -9.71 -6.50 6.73
C GLU A 162 -9.59 -7.51 7.87
N TYR A 163 -9.05 -7.10 9.02
CA TYR A 163 -9.00 -7.98 10.18
C TYR A 163 -10.41 -8.34 10.65
N ILE A 164 -11.31 -7.36 10.71
CA ILE A 164 -12.70 -7.63 11.06
C ILE A 164 -13.33 -8.61 10.08
N THR A 165 -13.06 -8.42 8.77
CA THR A 165 -13.57 -9.34 7.76
C THR A 165 -13.00 -10.73 7.96
N PHE A 166 -11.73 -10.80 8.39
CA PHE A 166 -11.10 -12.08 8.67
C PHE A 166 -11.76 -12.80 9.86
N LEU A 167 -12.02 -12.10 10.95
CA LEU A 167 -12.74 -12.71 12.08
C LEU A 167 -14.11 -13.23 11.65
N GLU A 168 -14.81 -12.46 10.82
CA GLU A 168 -16.08 -12.96 10.30
C GLU A 168 -15.89 -14.21 9.45
N ASP A 169 -14.88 -14.21 8.56
CA ASP A 169 -14.62 -15.39 7.76
C ASP A 169 -14.24 -16.57 8.64
N LEU A 170 -13.44 -16.33 9.67
CA LEU A 170 -13.07 -17.40 10.59
C LEU A 170 -14.28 -17.92 11.34
N LYS A 171 -15.10 -17.00 11.87
CA LYS A 171 -16.29 -17.43 12.58
C LYS A 171 -17.20 -18.25 11.67
N SER A 172 -17.41 -17.78 10.44
CA SER A 172 -18.24 -18.51 9.48
C SER A 172 -17.63 -19.87 9.17
N PHE A 173 -16.31 -19.92 9.01
CA PHE A 173 -15.64 -21.19 8.74
C PHE A 173 -15.84 -22.17 9.88
N VAL A 174 -15.55 -21.75 11.12
CA VAL A 174 -15.61 -22.68 12.23
C VAL A 174 -17.06 -23.10 12.50
N LYS A 175 -18.02 -22.23 12.25
CA LYS A 175 -19.41 -22.57 12.54
C LYS A 175 -20.01 -23.50 11.49
N SER A 176 -19.49 -23.51 10.26
CA SER A 176 -20.02 -24.39 9.22
C SER A 176 -19.90 -25.85 9.66
N GLN A 177 -20.92 -26.64 9.28
CA GLN A 177 -21.22 -28.00 9.79
C GLN A 177 -21.84 -27.98 11.19
#